data_4XED
#
_entry.id   4XED
#
_cell.length_a   46.186
_cell.length_b   48.869
_cell.length_c   78.509
_cell.angle_alpha   90.00
_cell.angle_beta   90.00
_cell.angle_gamma   90.00
#
_symmetry.space_group_name_H-M   'I 2 2 2'
#
loop_
_entity.id
_entity.type
_entity.pdbx_description
1 polymer 'Peptidase M14, carboxypeptidase A'
2 non-polymer 'CALCIUM ION'
3 non-polymer 1,2-ETHANEDIOL
4 water water
#
_entity_poly.entity_id   1
_entity_poly.type   'polypeptide(L)'
_entity_poly.pdbx_seq_one_letter_code
;SNANDPPNIPNVTGPTNGNIGTTYNYTFVTTDPNGDNITYYIEWGDGFTEEWIGPYASGEEVIFSHTWDKKGTYVVRAKA
KDILNYESSWGTLEVT(MSE)PK
;
_entity_poly.pdbx_strand_id   A
#
# COMPACT_ATOMS: atom_id res chain seq x y z
N ALA A 3 -23.63 -10.46 -7.41
CA ALA A 3 -22.98 -10.14 -8.72
C ALA A 3 -21.63 -9.45 -8.53
N ASN A 4 -21.51 -8.65 -7.46
CA ASN A 4 -20.29 -7.87 -7.22
C ASN A 4 -19.13 -8.75 -6.84
N ASP A 5 -17.96 -8.40 -7.37
CA ASP A 5 -16.71 -9.09 -7.02
C ASP A 5 -15.79 -8.14 -6.26
N PRO A 6 -14.92 -8.68 -5.39
CA PRO A 6 -13.99 -7.81 -4.67
C PRO A 6 -12.85 -7.38 -5.57
N PRO A 7 -12.16 -6.29 -5.20
CA PRO A 7 -10.99 -5.92 -5.98
C PRO A 7 -9.96 -7.02 -5.97
N ASN A 8 -9.15 -7.00 -7.02
CA ASN A 8 -7.95 -7.82 -7.05
C ASN A 8 -6.96 -7.39 -5.98
N ILE A 9 -6.02 -8.25 -5.68
CA ILE A 9 -5.04 -7.94 -4.68
C ILE A 9 -4.11 -6.82 -5.20
N PRO A 10 -3.88 -5.78 -4.37
CA PRO A 10 -3.00 -4.72 -4.85
C PRO A 10 -1.56 -5.12 -5.05
N ASN A 11 -0.94 -4.40 -5.96
CA ASN A 11 0.50 -4.45 -6.18
C ASN A 11 1.16 -3.23 -5.54
N VAL A 12 2.35 -3.44 -4.96
CA VAL A 12 3.16 -2.43 -4.31
C VAL A 12 4.59 -2.49 -4.82
N THR A 13 5.10 -1.44 -5.46
CA THR A 13 6.51 -1.44 -5.86
C THR A 13 7.22 -0.22 -5.31
N GLY A 14 8.50 -0.37 -5.03
CA GLY A 14 9.32 0.75 -4.58
C GLY A 14 10.58 0.15 -3.98
N PRO A 15 11.43 1.02 -3.41
CA PRO A 15 12.72 0.55 -2.89
C PRO A 15 12.55 -0.42 -1.73
N THR A 16 13.33 -1.50 -1.76
CA THR A 16 13.24 -2.54 -0.73
C THR A 16 14.39 -2.47 0.26
N ASN A 17 15.32 -1.56 0.03
N ASN A 17 15.30 -1.53 0.04
CA ASN A 17 16.40 -1.28 0.97
CA ASN A 17 16.41 -1.28 0.93
C ASN A 17 16.69 0.19 0.86
C ASN A 17 16.61 0.21 0.87
N GLY A 18 16.99 0.81 1.98
CA GLY A 18 17.31 2.21 1.99
C GLY A 18 18.00 2.61 3.26
N ASN A 19 18.07 3.92 3.48
N ASN A 19 18.04 3.92 3.46
CA ASN A 19 18.68 4.44 4.69
CA ASN A 19 18.68 4.57 4.59
C ASN A 19 17.64 5.01 5.60
C ASN A 19 17.61 5.01 5.59
N ILE A 20 17.81 4.72 6.88
CA ILE A 20 16.89 5.17 7.90
C ILE A 20 16.81 6.69 7.81
N GLY A 21 15.60 7.24 7.80
CA GLY A 21 15.42 8.69 7.82
C GLY A 21 15.25 9.32 6.45
N THR A 22 15.45 8.52 5.40
CA THR A 22 15.28 9.00 4.04
C THR A 22 13.89 8.64 3.51
N THR A 23 13.29 9.55 2.76
CA THR A 23 11.91 9.36 2.30
C THR A 23 11.93 8.59 0.98
N TYR A 24 11.06 7.59 0.85
CA TYR A 24 10.97 6.74 -0.35
C TYR A 24 9.55 6.66 -0.88
N ASN A 25 9.42 6.51 -2.19
CA ASN A 25 8.11 6.47 -2.88
C ASN A 25 7.69 5.05 -3.21
N TYR A 26 6.43 4.76 -2.92
CA TYR A 26 5.80 3.47 -3.21
C TYR A 26 4.60 3.66 -4.13
N THR A 27 4.54 2.80 -5.14
CA THR A 27 3.49 2.82 -6.14
C THR A 27 2.51 1.68 -5.84
N PHE A 28 1.22 2.03 -5.74
CA PHE A 28 0.16 1.08 -5.40
C PHE A 28 -0.83 1.05 -6.55
N VAL A 29 -1.27 -0.14 -6.91
CA VAL A 29 -2.36 -0.21 -7.88
C VAL A 29 -3.08 -1.54 -7.85
N THR A 30 -4.39 -1.48 -8.04
CA THR A 30 -5.16 -2.66 -8.33
C THR A 30 -6.30 -2.30 -9.27
N THR A 31 -7.02 -3.32 -9.70
CA THR A 31 -8.26 -3.15 -10.44
C THR A 31 -9.38 -3.88 -9.72
N ASP A 32 -10.60 -3.39 -9.96
CA ASP A 32 -11.79 -4.10 -9.55
C ASP A 32 -12.42 -4.75 -10.79
N PRO A 33 -12.86 -6.01 -10.69
CA PRO A 33 -13.37 -6.72 -11.87
C PRO A 33 -14.61 -6.10 -12.47
N ASN A 34 -15.33 -5.32 -11.67
CA ASN A 34 -16.55 -4.68 -12.11
C ASN A 34 -16.32 -3.23 -12.52
N GLY A 35 -15.05 -2.80 -12.45
CA GLY A 35 -14.67 -1.44 -12.75
C GLY A 35 -14.99 -0.42 -11.66
N ASP A 36 -15.32 -0.91 -10.47
CA ASP A 36 -15.71 -0.05 -9.36
C ASP A 36 -14.54 0.80 -8.88
N ASN A 37 -14.85 2.00 -8.41
CA ASN A 37 -13.90 2.78 -7.64
C ASN A 37 -13.54 2.02 -6.38
N ILE A 38 -12.35 2.32 -5.87
N ILE A 38 -12.32 2.24 -5.90
CA ILE A 38 -11.82 1.59 -4.71
CA ILE A 38 -11.84 1.55 -4.69
C ILE A 38 -11.14 2.54 -3.72
C ILE A 38 -11.07 2.47 -3.75
N THR A 39 -11.00 2.07 -2.48
CA THR A 39 -10.18 2.72 -1.47
C THR A 39 -9.10 1.70 -1.05
N TYR A 40 -7.97 2.21 -0.58
CA TYR A 40 -6.85 1.39 -0.15
C TYR A 40 -6.62 1.49 1.35
N TYR A 41 -6.23 0.37 1.96
CA TYR A 41 -5.79 0.31 3.35
C TYR A 41 -4.34 -0.13 3.27
N ILE A 42 -3.43 0.75 3.68
CA ILE A 42 -1.99 0.52 3.62
C ILE A 42 -1.44 0.44 5.05
N GLU A 43 -0.62 -0.59 5.30
CA GLU A 43 0.22 -0.71 6.50
C GLU A 43 1.66 -0.46 6.09
N TRP A 44 2.33 0.48 6.74
CA TRP A 44 3.74 0.71 6.44
C TRP A 44 4.69 -0.24 7.20
N GLY A 45 4.13 -1.08 8.08
CA GLY A 45 4.88 -2.09 8.78
C GLY A 45 5.47 -1.64 10.11
N ASP A 46 5.30 -0.35 10.43
CA ASP A 46 5.87 0.27 11.60
C ASP A 46 4.80 0.80 12.54
N GLY A 47 3.55 0.42 12.31
CA GLY A 47 2.40 0.89 13.08
C GLY A 47 1.60 1.99 12.40
N PHE A 48 2.18 2.68 11.41
CA PHE A 48 1.48 3.72 10.67
C PHE A 48 0.69 3.10 9.53
N THR A 49 -0.44 3.71 9.23
CA THR A 49 -1.38 3.22 8.23
C THR A 49 -1.99 4.35 7.42
N GLU A 50 -2.52 4.02 6.24
CA GLU A 50 -3.40 4.87 5.49
C GLU A 50 -4.73 4.12 5.45
N GLU A 51 -5.74 4.63 6.14
CA GLU A 51 -6.95 3.84 6.39
C GLU A 51 -8.06 4.17 5.42
N TRP A 52 -8.15 3.36 4.37
CA TRP A 52 -9.18 3.48 3.36
C TRP A 52 -9.13 4.85 2.67
N ILE A 53 -7.96 5.14 2.12
N ILE A 53 -7.98 5.12 2.07
CA ILE A 53 -7.76 6.37 1.37
CA ILE A 53 -7.75 6.36 1.33
C ILE A 53 -8.34 6.23 -0.04
C ILE A 53 -8.27 6.25 -0.10
N GLY A 54 -8.85 7.34 -0.58
CA GLY A 54 -9.58 7.32 -1.84
C GLY A 54 -10.96 7.94 -1.66
N PRO A 55 -11.91 7.62 -2.53
CA PRO A 55 -11.80 6.63 -3.61
C PRO A 55 -10.91 7.06 -4.76
N TYR A 56 -10.38 6.05 -5.45
CA TYR A 56 -9.62 6.17 -6.68
C TYR A 56 -10.29 5.33 -7.76
N ALA A 57 -10.01 5.63 -9.03
CA ALA A 57 -10.50 4.82 -10.14
C ALA A 57 -9.85 3.44 -10.08
N SER A 58 -10.61 2.43 -10.51
CA SER A 58 -10.01 1.14 -10.75
C SER A 58 -8.84 1.30 -11.73
N GLY A 59 -7.69 0.75 -11.38
CA GLY A 59 -6.53 0.74 -12.26
C GLY A 59 -5.63 1.95 -12.22
N GLU A 60 -6.01 2.92 -11.42
CA GLU A 60 -5.22 4.12 -11.24
C GLU A 60 -4.05 3.90 -10.31
N GLU A 61 -2.84 4.17 -10.78
CA GLU A 61 -1.65 4.05 -9.92
C GLU A 61 -1.60 5.24 -8.97
N VAL A 62 -1.41 4.94 -7.70
CA VAL A 62 -1.33 5.98 -6.67
C VAL A 62 0.01 5.82 -5.97
N ILE A 63 0.72 6.94 -5.80
CA ILE A 63 2.07 6.92 -5.27
C ILE A 63 2.07 7.64 -3.93
N PHE A 64 2.51 6.95 -2.87
CA PHE A 64 2.65 7.53 -1.54
C PHE A 64 4.04 7.31 -1.02
N SER A 65 4.57 8.32 -0.32
CA SER A 65 5.89 8.23 0.24
C SER A 65 5.85 7.92 1.74
N HIS A 66 6.94 7.39 2.25
CA HIS A 66 7.05 7.07 3.67
C HIS A 66 8.51 7.16 4.05
N THR A 67 8.73 7.41 5.34
CA THR A 67 10.06 7.43 5.94
C THR A 67 10.02 6.56 7.19
N TRP A 68 11.01 5.68 7.35
CA TRP A 68 11.14 4.88 8.56
C TRP A 68 12.27 5.44 9.41
N ASP A 69 12.04 5.64 10.70
N ASP A 69 12.05 5.55 10.71
CA ASP A 69 13.04 6.30 11.54
CA ASP A 69 12.98 6.26 11.59
C ASP A 69 13.68 5.34 12.53
C ASP A 69 13.93 5.36 12.39
N LYS A 70 13.58 4.03 12.27
N LYS A 70 13.65 4.06 12.41
CA LYS A 70 14.24 3.02 13.09
CA LYS A 70 14.43 3.08 13.17
C LYS A 70 14.70 1.91 12.19
C LYS A 70 14.83 1.92 12.28
N LYS A 71 15.84 1.33 12.52
N LYS A 71 15.92 1.25 12.64
CA LYS A 71 16.30 0.14 11.85
CA LYS A 71 16.39 0.08 11.93
C LYS A 71 15.22 -0.92 11.91
C LYS A 71 15.39 -1.08 12.01
N GLY A 72 15.20 -1.78 10.90
CA GLY A 72 14.28 -2.88 10.88
C GLY A 72 13.94 -3.39 9.52
N THR A 73 13.20 -4.48 9.49
CA THR A 73 12.62 -4.99 8.27
C THR A 73 11.12 -4.79 8.38
N TYR A 74 10.53 -4.07 7.43
CA TYR A 74 9.14 -3.63 7.50
C TYR A 74 8.33 -4.28 6.39
N VAL A 75 7.19 -4.84 6.77
CA VAL A 75 6.31 -5.44 5.79
C VAL A 75 5.23 -4.44 5.40
N VAL A 76 5.40 -3.81 4.24
CA VAL A 76 4.41 -2.89 3.72
C VAL A 76 3.30 -3.75 3.10
N ARG A 77 2.05 -3.48 3.46
CA ARG A 77 0.94 -4.25 2.92
C ARG A 77 -0.15 -3.31 2.45
N ALA A 78 -0.87 -3.73 1.40
CA ALA A 78 -2.00 -2.97 0.92
C ALA A 78 -3.13 -3.89 0.51
N LYS A 79 -4.34 -3.52 0.93
CA LYS A 79 -5.58 -4.16 0.45
C LYS A 79 -6.51 -3.07 -0.07
N ALA A 80 -7.55 -3.47 -0.80
CA ALA A 80 -8.44 -2.50 -1.38
C ALA A 80 -9.88 -2.99 -1.15
N LYS A 81 -10.84 -2.06 -1.13
CA LYS A 81 -12.23 -2.44 -1.09
C LYS A 81 -13.00 -1.55 -2.04
N ASP A 82 -14.02 -2.12 -2.64
CA ASP A 82 -14.82 -1.33 -3.54
C ASP A 82 -15.90 -0.52 -2.81
N ILE A 83 -16.79 0.13 -3.56
CA ILE A 83 -17.78 1.02 -2.99
C ILE A 83 -18.78 0.25 -2.15
N LEU A 84 -19.01 -1.02 -2.49
CA LEU A 84 -19.84 -1.93 -1.69
C LEU A 84 -19.09 -2.58 -0.53
N ASN A 85 -17.86 -2.16 -0.28
CA ASN A 85 -17.08 -2.58 0.87
C ASN A 85 -16.62 -4.03 0.84
N TYR A 86 -16.57 -4.60 -0.36
CA TYR A 86 -16.05 -5.95 -0.57
C TYR A 86 -14.52 -5.82 -0.62
N GLU A 87 -13.84 -6.52 0.30
CA GLU A 87 -12.41 -6.33 0.48
C GLU A 87 -11.55 -7.40 -0.19
N SER A 88 -10.43 -6.97 -0.76
CA SER A 88 -9.41 -7.85 -1.30
C SER A 88 -8.50 -8.43 -0.22
N SER A 89 -7.67 -9.37 -0.64
CA SER A 89 -6.52 -9.83 0.13
C SER A 89 -5.38 -8.80 0.08
N TRP A 90 -4.28 -9.05 0.76
CA TRP A 90 -3.22 -8.07 0.86
C TRP A 90 -2.11 -8.35 -0.13
N GLY A 91 -1.59 -7.30 -0.76
CA GLY A 91 -0.32 -7.35 -1.47
C GLY A 91 0.74 -6.89 -0.49
N THR A 92 1.96 -7.40 -0.61
CA THR A 92 3.02 -7.10 0.35
C THR A 92 4.38 -6.88 -0.31
N LEU A 93 5.17 -6.01 0.33
CA LEU A 93 6.55 -5.73 -0.06
C LEU A 93 7.36 -5.54 1.20
N GLU A 94 8.46 -6.27 1.30
CA GLU A 94 9.36 -6.16 2.46
C GLU A 94 10.44 -5.10 2.21
N VAL A 95 10.53 -4.15 3.12
CA VAL A 95 11.47 -3.03 2.99
C VAL A 95 12.44 -3.07 4.17
N THR A 96 13.73 -3.13 3.87
CA THR A 96 14.78 -3.22 4.89
C THR A 96 15.46 -1.85 5.08
N PRO A 98 18.57 -0.94 7.27
CA PRO A 98 19.61 -1.52 8.13
C PRO A 98 20.37 -0.49 8.94
N LYS A 99 20.51 0.72 8.39
CA LYS A 99 21.25 1.80 9.05
C LYS A 99 20.71 3.14 8.55
#